data_3EN1
#
_entry.id   3EN1
#
_cell.length_a   234.531
_cell.length_b   234.531
_cell.length_c   234.531
_cell.angle_alpha   90.00
_cell.angle_beta   90.00
_cell.angle_gamma   90.00
#
_symmetry.space_group_name_H-M   'P 43 3 2'
#
loop_
_entity.id
_entity.type
_entity.pdbx_description
1 polymer 'Benzene 1,2-dioxygenase subunit alpha'
2 polymer 'Benzene 1,2-dioxygenase subunit beta'
3 non-polymer 'FE (II) ION'
4 non-polymer 'FE2/S2 (INORGANIC) CLUSTER'
5 non-polymer 3,6,9,12,15,18,21,24,27,30,33,36,39-TRIDECAOXAHENTETRACONTANE-1,41-DIOL
6 non-polymer TOLUENE
7 water water
#
loop_
_entity_poly.entity_id
_entity_poly.type
_entity_poly.pdbx_seq_one_letter_code
_entity_poly.pdbx_strand_id
1 'polypeptide(L)'
;MNQTDTSPIRLRRSWNTSEIEALFDEHAGRIDPRIYTDEDLYQLELERVFARSWLLLGHETQIRKPGDYITTYMGEDPVV
VVRQKDASIAVFLNQCRHRGMRICRADAGNAKAFTCSYHGWAYDTAGNLVNVPYEAESFACLNKKEWSPLKARVETYKGL
IFANWDENAVDLDTYLGEAKFYMDHMLDRTEAGTEAIPGVQKWVIPCNWKFAAEQFCSDMYHAGTTSHLSGILAGLPEDL
EMADLAPPTVGKQYRASWGGHGSGFYVGDPNLMLAIMGPKVTSYWTEGPASEKAAERLGSVERGSKLMVEHMTVFPTCSF
LPGINTVRTWHPRGPNEVEVWAFTVVDADAPDDIKEEFRRQTLRTFSAGGVFEQDDGENWVEIQHILRGHKARSRPFNAE
MSMDQTVDNDPVYPGRISNNVYSEEAARGLYAHWLRMMTSPDWDALKATR
;
A
2 'polypeptide(L)'
;MIDSANRADVFLRKPAPVAPELQHEVEQFYYWEAKLLNDRRFEEWFALLAEDIHYFMPIRTTRIMRDSRLEYSGSREYAH
FDDDATMMKGRLRKITSDVSWSENPASRTRHLVSNVMIVGAEAEGEYEISSAFIVYRNRLERQLDIFAGERRDTLRRNTS
EAGFEIVNRTILIDQSTILANNLSFFF
;
B
#
loop_
_chem_comp.id
_chem_comp.type
_chem_comp.name
_chem_comp.formula
FE2 non-polymer 'FE (II) ION' 'Fe 2'
FES non-polymer 'FE2/S2 (INORGANIC) CLUSTER' 'Fe2 S2'
MBN non-polymer TOLUENE 'C7 H8'
PE3 non-polymer 3,6,9,12,15,18,21,24,27,30,33,36,39-TRIDECAOXAHENTETRACONTANE-1,41-DIOL 'C28 H58 O15'
#
# COMPACT_ATOMS: atom_id res chain seq x y z
N TRP A 15 -2.18 -28.93 -17.04
CA TRP A 15 -1.03 -29.10 -16.08
C TRP A 15 -1.17 -30.29 -15.10
N ASN A 16 -0.53 -31.42 -15.38
CA ASN A 16 -0.39 -32.52 -14.39
C ASN A 16 0.67 -32.21 -13.32
N THR A 17 0.58 -32.87 -12.16
CA THR A 17 1.50 -32.64 -11.02
C THR A 17 2.99 -32.61 -11.40
N SER A 18 3.47 -33.60 -12.17
CA SER A 18 4.86 -33.64 -12.64
C SER A 18 5.36 -32.29 -13.16
N GLU A 19 4.65 -31.75 -14.15
CA GLU A 19 5.02 -30.47 -14.73
C GLU A 19 4.98 -29.30 -13.75
N ILE A 20 4.02 -29.31 -12.82
CA ILE A 20 3.97 -28.25 -11.82
C ILE A 20 5.24 -28.28 -10.97
N GLU A 21 5.72 -29.49 -10.64
CA GLU A 21 6.98 -29.66 -9.88
C GLU A 21 8.24 -29.11 -10.57
N ALA A 22 8.30 -29.22 -11.90
CA ALA A 22 9.44 -28.74 -12.67
C ALA A 22 9.59 -27.23 -12.59
N LEU A 23 8.47 -26.53 -12.36
CA LEU A 23 8.44 -25.06 -12.38
C LEU A 23 9.41 -24.35 -11.43
N PHE A 24 9.63 -24.91 -10.25
CA PHE A 24 10.65 -24.40 -9.36
C PHE A 24 11.57 -25.51 -8.89
N ASP A 25 12.87 -25.23 -8.95
CA ASP A 25 13.91 -26.16 -8.51
C ASP A 25 14.71 -25.52 -7.38
N GLU A 26 14.45 -25.98 -6.16
CA GLU A 26 15.08 -25.40 -4.99
C GLU A 26 16.56 -25.75 -4.90
N HIS A 27 16.92 -27.04 -5.02
CA HIS A 27 18.33 -27.47 -4.92
C HIS A 27 19.18 -26.64 -5.89
N ALA A 28 18.75 -26.56 -7.14
CA ALA A 28 19.46 -25.79 -8.17
C ALA A 28 19.28 -24.27 -8.01
N GLY A 29 18.20 -23.84 -7.39
CA GLY A 29 17.88 -22.41 -7.29
C GLY A 29 17.40 -21.76 -8.58
N ARG A 30 16.34 -22.30 -9.19
CA ARG A 30 15.84 -21.80 -10.47
C ARG A 30 14.33 -21.62 -10.55
N ILE A 31 13.87 -20.47 -11.06
CA ILE A 31 12.44 -20.22 -11.21
C ILE A 31 12.00 -20.18 -12.67
N ASP A 32 10.98 -20.95 -13.04
CA ASP A 32 10.42 -20.93 -14.40
C ASP A 32 9.48 -19.75 -14.52
N PRO A 33 9.77 -18.79 -15.42
CA PRO A 33 9.04 -17.54 -15.36
C PRO A 33 7.58 -17.70 -15.73
N ARG A 34 7.24 -18.84 -16.33
CA ARG A 34 5.85 -19.17 -16.62
C ARG A 34 4.93 -19.11 -15.39
N ILE A 35 5.49 -19.35 -14.19
CA ILE A 35 4.74 -19.21 -12.95
C ILE A 35 4.22 -17.79 -12.75
N TYR A 36 4.74 -16.82 -13.50
CA TYR A 36 4.28 -15.44 -13.35
C TYR A 36 3.32 -15.03 -14.44
N THR A 37 2.99 -15.95 -15.32
CA THR A 37 2.32 -15.56 -16.54
C THR A 37 1.20 -16.47 -16.94
N ASP A 38 1.39 -17.77 -16.70
CA ASP A 38 0.42 -18.76 -17.20
C ASP A 38 -0.94 -18.58 -16.53
N GLU A 39 -1.95 -18.37 -17.36
CA GLU A 39 -3.34 -18.15 -16.94
C GLU A 39 -3.97 -19.31 -16.15
N ASP A 40 -3.77 -20.54 -16.64
CA ASP A 40 -4.23 -21.71 -15.96
C ASP A 40 -3.62 -21.92 -14.59
N LEU A 41 -2.31 -21.67 -14.45
CA LEU A 41 -1.66 -21.79 -13.16
C LEU A 41 -2.29 -20.80 -12.23
N TYR A 42 -2.57 -19.61 -12.75
CA TYR A 42 -3.26 -18.60 -11.98
C TYR A 42 -4.54 -19.13 -11.40
N GLN A 43 -5.33 -19.86 -12.18
CA GLN A 43 -6.56 -20.41 -11.62
C GLN A 43 -6.22 -21.42 -10.56
N LEU A 44 -5.38 -22.41 -10.86
CA LEU A 44 -4.92 -23.29 -9.80
C LEU A 44 -4.52 -22.56 -8.50
N GLU A 45 -3.72 -21.50 -8.62
CA GLU A 45 -3.34 -20.67 -7.48
C GLU A 45 -4.56 -20.20 -6.70
N LEU A 46 -5.59 -19.73 -7.39
CA LEU A 46 -6.74 -19.19 -6.69
C LEU A 46 -7.41 -20.27 -5.86
N GLU A 47 -7.24 -21.51 -6.27
CA GLU A 47 -7.94 -22.64 -5.69
C GLU A 47 -7.06 -23.30 -4.64
N ARG A 48 -5.76 -23.39 -4.90
CA ARG A 48 -4.84 -24.16 -4.04
C ARG A 48 -3.97 -23.30 -3.15
N VAL A 49 -3.88 -22.02 -3.44
CA VAL A 49 -3.14 -21.12 -2.58
C VAL A 49 -4.09 -20.21 -1.84
N PHE A 50 -4.77 -19.34 -2.57
CA PHE A 50 -5.62 -18.34 -1.93
C PHE A 50 -6.84 -18.97 -1.24
N ALA A 51 -7.42 -19.99 -1.86
CA ALA A 51 -8.54 -20.66 -1.20
C ALA A 51 -8.16 -21.33 0.12
N ARG A 52 -6.93 -21.81 0.30
CA ARG A 52 -6.56 -22.44 1.57
C ARG A 52 -5.55 -21.69 2.47
N SER A 53 -5.21 -20.44 2.17
CA SER A 53 -4.29 -19.72 3.07
C SER A 53 -4.96 -18.63 3.92
N TRP A 54 -4.30 -18.23 5.01
CA TRP A 54 -4.77 -17.11 5.80
C TRP A 54 -4.35 -15.82 5.08
N LEU A 55 -5.34 -15.03 4.65
CA LEU A 55 -5.07 -13.79 3.92
C LEU A 55 -5.39 -12.54 4.78
N LEU A 56 -4.54 -11.51 4.65
CA LEU A 56 -4.69 -10.27 5.41
C LEU A 56 -5.84 -9.43 4.86
N LEU A 57 -6.82 -9.11 5.71
CA LEU A 57 -7.95 -8.26 5.27
C LEU A 57 -7.85 -6.85 5.80
N GLY A 58 -7.00 -6.61 6.80
CA GLY A 58 -6.86 -5.27 7.34
C GLY A 58 -6.59 -5.31 8.83
N HIS A 59 -6.78 -4.17 9.47
CA HIS A 59 -6.51 -4.02 10.90
C HIS A 59 -7.80 -3.88 11.69
N GLU A 60 -7.80 -4.34 12.94
CA GLU A 60 -9.00 -4.27 13.80
C GLU A 60 -9.53 -2.85 13.94
N THR A 61 -8.64 -1.87 14.07
CA THR A 61 -9.12 -0.53 14.38
C THR A 61 -9.76 0.11 13.17
N GLN A 62 -9.76 -0.61 12.06
CA GLN A 62 -10.47 -0.17 10.86
C GLN A 62 -11.96 -0.45 11.00
N ILE A 63 -12.31 -1.41 11.84
CA ILE A 63 -13.71 -1.76 12.08
C ILE A 63 -14.02 -1.82 13.58
N ARG A 64 -14.16 -0.66 14.22
CA ARG A 64 -14.18 -0.59 15.70
C ARG A 64 -15.52 -0.92 16.36
N LYS A 65 -16.55 -0.15 16.05
CA LYS A 65 -17.86 -0.28 16.71
C LYS A 65 -18.62 -1.42 16.06
N PRO A 66 -19.67 -1.96 16.73
CA PRO A 66 -20.48 -2.98 16.05
C PRO A 66 -21.25 -2.35 14.89
N GLY A 67 -21.31 -3.05 13.76
CA GLY A 67 -22.03 -2.54 12.62
C GLY A 67 -21.09 -2.03 11.57
N ASP A 68 -19.88 -1.66 11.99
CA ASP A 68 -18.80 -1.26 11.09
C ASP A 68 -18.35 -2.38 10.15
N TYR A 69 -18.14 -2.01 8.90
CA TYR A 69 -17.61 -2.90 7.89
C TYR A 69 -16.61 -2.16 7.06
N ILE A 70 -15.75 -2.95 6.42
CA ILE A 70 -14.94 -2.56 5.27
C ILE A 70 -15.18 -3.65 4.24
N THR A 71 -14.87 -3.36 2.97
CA THR A 71 -14.91 -4.37 1.91
C THR A 71 -13.50 -4.55 1.33
N THR A 72 -13.03 -5.79 1.24
CA THR A 72 -11.86 -6.11 0.43
C THR A 72 -12.06 -7.44 -0.27
N TYR A 73 -10.92 -8.09 -0.47
CA TYR A 73 -10.83 -9.21 -1.32
C TYR A 73 -10.06 -10.27 -0.59
N MET A 74 -10.32 -11.50 -0.99
CA MET A 74 -9.65 -12.63 -0.46
C MET A 74 -9.42 -13.39 -1.75
N GLY A 75 -8.29 -13.09 -2.40
CA GLY A 75 -8.02 -13.52 -3.75
C GLY A 75 -8.75 -12.61 -4.74
N GLU A 76 -9.73 -13.14 -5.46
CA GLU A 76 -10.54 -12.26 -6.30
C GLU A 76 -12.00 -12.34 -5.90
N ASP A 77 -12.25 -12.99 -4.76
CA ASP A 77 -13.59 -13.02 -4.22
C ASP A 77 -13.64 -11.81 -3.34
N PRO A 78 -14.64 -10.94 -3.57
CA PRO A 78 -14.82 -9.82 -2.68
C PRO A 78 -15.46 -10.33 -1.38
N VAL A 79 -15.08 -9.73 -0.27
CA VAL A 79 -15.66 -10.10 0.99
C VAL A 79 -16.11 -8.88 1.75
N VAL A 80 -17.12 -9.06 2.60
CA VAL A 80 -17.46 -8.05 3.59
C VAL A 80 -16.82 -8.47 4.92
N VAL A 81 -16.26 -7.49 5.61
CA VAL A 81 -15.61 -7.70 6.89
C VAL A 81 -16.36 -6.84 7.89
N VAL A 82 -17.17 -7.48 8.75
CA VAL A 82 -18.08 -6.71 9.65
C VAL A 82 -17.90 -6.98 11.14
N ARG A 83 -17.80 -5.90 11.92
CA ARG A 83 -17.78 -6.01 13.38
C ARG A 83 -19.16 -6.39 13.94
N GLN A 84 -19.24 -7.42 14.77
CA GLN A 84 -20.53 -7.91 15.30
C GLN A 84 -20.91 -7.33 16.67
N LYS A 85 -22.09 -7.69 17.18
CA LYS A 85 -22.53 -7.08 18.46
C LYS A 85 -21.64 -7.54 19.65
N ASP A 86 -21.26 -8.82 19.63
CA ASP A 86 -20.33 -9.41 20.59
C ASP A 86 -18.87 -9.09 20.20
N ALA A 87 -18.71 -8.14 19.28
CA ALA A 87 -17.39 -7.69 18.81
C ALA A 87 -16.56 -8.71 18.01
N SER A 88 -17.14 -9.86 17.68
CA SER A 88 -16.49 -10.74 16.73
C SER A 88 -16.36 -10.08 15.36
N ILE A 89 -15.63 -10.73 14.46
CA ILE A 89 -15.54 -10.26 13.10
C ILE A 89 -16.06 -11.33 12.20
N ALA A 90 -17.13 -10.99 11.48
CA ALA A 90 -17.68 -11.86 10.48
C ALA A 90 -17.09 -11.50 9.13
N VAL A 91 -16.83 -12.53 8.33
CA VAL A 91 -16.37 -12.38 6.95
C VAL A 91 -17.17 -13.33 6.02
N PHE A 92 -17.94 -12.73 5.11
CA PHE A 92 -18.65 -13.51 4.11
C PHE A 92 -18.33 -13.05 2.71
N LEU A 93 -18.37 -13.99 1.77
CA LEU A 93 -18.34 -13.69 0.35
C LEU A 93 -19.32 -12.55 0.05
N ASN A 94 -18.87 -11.51 -0.65
CA ASN A 94 -19.73 -10.36 -0.93
C ASN A 94 -20.56 -10.59 -2.20
N GLN A 95 -21.40 -11.63 -2.18
CA GLN A 95 -22.23 -11.97 -3.32
C GLN A 95 -23.45 -12.73 -2.86
N CYS A 96 -24.62 -12.15 -3.14
CA CYS A 96 -25.93 -12.72 -2.84
C CYS A 96 -26.10 -13.99 -3.66
N ARG A 97 -26.54 -15.07 -3.05
CA ARG A 97 -26.55 -16.35 -3.76
C ARG A 97 -27.70 -16.48 -4.77
N HIS A 98 -28.57 -15.49 -4.76
CA HIS A 98 -29.69 -15.51 -5.67
C HIS A 98 -29.27 -15.39 -7.14
N ARG A 99 -28.81 -14.19 -7.53
CA ARG A 99 -28.23 -13.98 -8.84
C ARG A 99 -26.90 -13.22 -8.78
N GLY A 100 -26.25 -13.29 -7.64
CA GLY A 100 -24.86 -12.85 -7.55
C GLY A 100 -24.56 -11.39 -7.38
N MET A 101 -25.56 -10.58 -7.06
CA MET A 101 -25.32 -9.15 -6.88
C MET A 101 -24.46 -8.91 -5.66
N ARG A 102 -23.73 -7.80 -5.66
CA ARG A 102 -22.91 -7.40 -4.53
C ARG A 102 -23.81 -7.02 -3.35
N ILE A 103 -23.60 -7.68 -2.20
CA ILE A 103 -24.42 -7.41 -1.01
C ILE A 103 -24.08 -6.07 -0.39
N CYS A 104 -22.80 -5.78 -0.23
CA CYS A 104 -22.39 -4.53 0.40
C CYS A 104 -21.65 -3.69 -0.64
N ARG A 105 -22.07 -2.44 -0.84
CA ARG A 105 -21.58 -1.69 -1.99
C ARG A 105 -20.80 -0.45 -1.65
N ALA A 106 -20.05 -0.47 -0.57
CA ALA A 106 -19.24 0.70 -0.15
C ALA A 106 -17.91 0.23 0.42
N ASP A 107 -16.93 1.13 0.45
CA ASP A 107 -15.60 0.75 0.94
C ASP A 107 -15.65 0.46 2.44
N ALA A 108 -16.40 1.29 3.14
CA ALA A 108 -16.47 1.24 4.57
C ALA A 108 -17.74 1.97 5.00
N GLY A 109 -18.30 1.59 6.13
CA GLY A 109 -19.40 2.31 6.76
C GLY A 109 -19.97 1.52 7.92
N ASN A 110 -21.20 1.87 8.33
CA ASN A 110 -21.84 1.16 9.43
C ASN A 110 -23.26 0.66 9.07
N ALA A 111 -23.51 -0.62 9.23
CA ALA A 111 -24.82 -1.15 8.87
C ALA A 111 -25.52 -1.87 10.04
N LYS A 112 -26.83 -1.68 10.16
CA LYS A 112 -27.64 -2.52 11.03
C LYS A 112 -27.96 -3.82 10.28
N ALA A 113 -28.08 -3.74 8.96
CA ALA A 113 -28.37 -4.92 8.12
C ALA A 113 -27.85 -4.65 6.73
N PHE A 114 -27.87 -5.68 5.87
CA PHE A 114 -27.54 -5.53 4.44
C PHE A 114 -28.70 -5.99 3.56
N THR A 115 -28.94 -5.26 2.48
CA THR A 115 -30.02 -5.64 1.57
C THR A 115 -29.53 -5.70 0.14
N CYS A 116 -29.76 -6.84 -0.52
CA CYS A 116 -29.34 -6.98 -1.89
C CYS A 116 -30.15 -6.07 -2.76
N SER A 117 -29.49 -5.23 -3.54
CA SER A 117 -30.23 -4.24 -4.28
C SER A 117 -30.85 -4.77 -5.57
N TYR A 118 -30.55 -6.00 -5.98
CA TYR A 118 -31.21 -6.56 -7.17
C TYR A 118 -32.65 -6.96 -6.84
N HIS A 119 -32.80 -7.94 -5.92
CA HIS A 119 -34.14 -8.37 -5.53
C HIS A 119 -34.48 -8.27 -4.04
N GLY A 120 -33.64 -7.61 -3.24
CA GLY A 120 -34.02 -7.22 -1.89
C GLY A 120 -33.92 -8.27 -0.80
N TRP A 121 -33.23 -9.38 -1.06
CA TRP A 121 -32.90 -10.32 -0.01
C TRP A 121 -32.12 -9.58 1.10
N ALA A 122 -32.45 -9.84 2.36
CA ALA A 122 -31.81 -9.13 3.48
C ALA A 122 -31.06 -10.05 4.47
N TYR A 123 -30.07 -9.44 5.14
CA TYR A 123 -28.98 -10.14 5.80
C TYR A 123 -28.66 -9.41 7.10
N ASP A 124 -28.39 -10.18 8.16
CA ASP A 124 -27.84 -9.58 9.38
C ASP A 124 -26.39 -9.15 9.17
N THR A 125 -25.83 -8.42 10.11
CA THR A 125 -24.50 -7.88 9.92
C THR A 125 -23.44 -8.97 9.77
N ALA A 126 -23.86 -10.22 9.92
CA ALA A 126 -22.96 -11.35 9.76
C ALA A 126 -23.21 -12.13 8.47
N GLY A 127 -23.99 -11.57 7.56
CA GLY A 127 -24.28 -12.22 6.29
C GLY A 127 -25.15 -13.47 6.34
N ASN A 128 -26.03 -13.56 7.32
CA ASN A 128 -27.05 -14.59 7.28
C ASN A 128 -28.24 -14.01 6.59
N LEU A 129 -28.84 -14.83 5.72
CA LEU A 129 -30.01 -14.42 4.99
C LEU A 129 -31.13 -14.51 6.01
N VAL A 130 -31.69 -13.37 6.40
CA VAL A 130 -32.76 -13.41 7.40
C VAL A 130 -34.12 -13.50 6.73
N ASN A 131 -34.41 -12.64 5.76
CA ASN A 131 -35.68 -12.77 5.04
C ASN A 131 -35.71 -12.19 3.62
N VAL A 132 -36.68 -12.70 2.88
CA VAL A 132 -36.72 -12.69 1.45
C VAL A 132 -38.13 -12.18 1.03
N PRO A 133 -38.22 -11.11 0.22
CA PRO A 133 -39.52 -10.58 -0.22
C PRO A 133 -40.44 -11.64 -0.85
N TYR A 134 -41.75 -11.56 -0.56
CA TYR A 134 -42.76 -12.55 -1.01
C TYR A 134 -42.41 -13.99 -0.63
N GLU A 135 -41.82 -14.13 0.56
CA GLU A 135 -41.39 -15.41 1.08
C GLU A 135 -42.44 -16.51 1.02
N ALA A 136 -43.56 -16.29 1.71
CA ALA A 136 -44.70 -17.25 1.78
C ALA A 136 -45.22 -17.78 0.42
N GLU A 137 -45.35 -16.90 -0.56
CA GLU A 137 -45.86 -17.26 -1.87
C GLU A 137 -44.81 -17.95 -2.76
N SER A 138 -43.56 -17.48 -2.71
CA SER A 138 -42.55 -17.86 -3.71
C SER A 138 -41.45 -18.79 -3.21
N PHE A 139 -40.89 -18.49 -2.04
CA PHE A 139 -39.88 -19.35 -1.41
C PHE A 139 -40.38 -19.80 -0.03
N ALA A 140 -41.09 -20.93 0.06
CA ALA A 140 -41.52 -21.39 1.40
C ALA A 140 -41.02 -22.79 1.60
N CYS A 141 -39.74 -22.89 1.93
CA CYS A 141 -38.93 -24.09 1.73
C CYS A 141 -37.52 -23.61 1.59
N LEU A 142 -37.35 -22.29 1.51
CA LEU A 142 -36.06 -21.72 1.30
C LEU A 142 -35.29 -22.01 2.56
N ASN A 143 -34.27 -22.87 2.42
CA ASN A 143 -33.35 -23.09 3.50
C ASN A 143 -32.39 -21.90 3.61
N LYS A 144 -32.78 -20.89 4.39
CA LYS A 144 -31.99 -19.66 4.44
C LYS A 144 -30.56 -19.85 4.95
N LYS A 145 -30.27 -20.93 5.67
CA LYS A 145 -28.88 -21.16 6.07
C LYS A 145 -28.04 -21.65 4.89
N GLU A 146 -28.45 -22.75 4.23
CA GLU A 146 -27.75 -23.23 2.99
C GLU A 146 -27.60 -22.09 1.95
N TRP A 147 -28.60 -21.21 1.88
CA TRP A 147 -28.54 -20.16 0.88
C TRP A 147 -27.96 -18.85 1.33
N SER A 148 -27.20 -18.85 2.41
CA SER A 148 -26.44 -17.65 2.79
C SER A 148 -25.06 -17.59 2.12
N PRO A 149 -24.51 -16.39 1.91
CA PRO A 149 -23.17 -16.30 1.35
C PRO A 149 -22.13 -17.11 2.14
N LEU A 150 -21.20 -17.74 1.42
CA LEU A 150 -20.08 -18.48 2.03
C LEU A 150 -19.36 -17.69 3.10
N LYS A 151 -19.13 -18.36 4.24
CA LYS A 151 -18.46 -17.74 5.39
C LYS A 151 -16.99 -18.17 5.44
N ALA A 152 -16.12 -17.26 5.89
CA ALA A 152 -14.69 -17.57 6.02
C ALA A 152 -14.34 -17.63 7.51
N ARG A 153 -13.39 -18.48 7.88
CA ARG A 153 -12.86 -18.44 9.23
C ARG A 153 -12.07 -17.16 9.44
N VAL A 154 -12.31 -16.48 10.55
CA VAL A 154 -11.60 -15.26 10.89
C VAL A 154 -10.74 -15.53 12.12
N GLU A 155 -9.46 -15.17 12.04
CA GLU A 155 -8.55 -15.23 13.19
C GLU A 155 -7.61 -14.03 13.11
N THR A 156 -7.48 -13.27 14.19
CA THR A 156 -6.62 -12.10 14.12
C THR A 156 -5.30 -12.39 14.80
N TYR A 157 -4.27 -11.61 14.48
CA TYR A 157 -3.04 -11.70 15.24
C TYR A 157 -2.59 -10.31 15.61
N LYS A 158 -2.80 -9.96 16.87
CA LYS A 158 -2.31 -8.72 17.44
C LYS A 158 -2.65 -7.55 16.57
N GLY A 159 -3.90 -7.52 16.10
CA GLY A 159 -4.45 -6.38 15.35
C GLY A 159 -4.68 -6.62 13.87
N LEU A 160 -3.86 -7.48 13.26
CA LEU A 160 -4.04 -7.83 11.87
C LEU A 160 -5.18 -8.85 11.75
N ILE A 161 -6.10 -8.62 10.80
CA ILE A 161 -7.26 -9.49 10.61
C ILE A 161 -6.95 -10.48 9.49
N PHE A 162 -6.95 -11.78 9.81
CA PHE A 162 -6.76 -12.80 8.78
C PHE A 162 -8.02 -13.63 8.56
N ALA A 163 -8.14 -14.17 7.35
CA ALA A 163 -9.30 -14.99 7.01
C ALA A 163 -8.84 -16.13 6.15
N ASN A 164 -9.56 -17.24 6.25
CA ASN A 164 -9.30 -18.45 5.50
C ASN A 164 -10.61 -19.15 5.20
N TRP A 165 -10.83 -19.53 3.93
CA TRP A 165 -12.08 -20.24 3.55
C TRP A 165 -12.04 -21.63 4.11
N ASP A 166 -10.85 -22.20 4.22
CA ASP A 166 -10.72 -23.64 4.36
C ASP A 166 -11.14 -24.21 5.70
N GLU A 167 -12.31 -24.86 5.66
CA GLU A 167 -12.79 -25.81 6.69
C GLU A 167 -11.67 -26.35 7.57
N ASN A 168 -10.75 -27.09 6.97
CA ASN A 168 -9.74 -27.79 7.73
C ASN A 168 -8.28 -27.40 7.44
N ALA A 169 -7.93 -26.13 7.55
CA ALA A 169 -6.52 -25.79 7.51
C ALA A 169 -6.07 -25.49 8.93
N VAL A 170 -4.81 -25.71 9.22
CA VAL A 170 -4.25 -25.30 10.51
C VAL A 170 -4.67 -23.86 10.86
N ASP A 171 -4.93 -23.62 12.14
CA ASP A 171 -5.26 -22.28 12.64
C ASP A 171 -4.14 -21.30 12.41
N LEU A 172 -4.50 -20.02 12.32
CA LEU A 172 -3.55 -18.95 11.99
C LEU A 172 -2.28 -19.07 12.79
N ASP A 173 -2.44 -19.41 14.07
CA ASP A 173 -1.33 -19.56 15.02
C ASP A 173 -0.31 -20.66 14.65
N THR A 174 -0.80 -21.86 14.38
CA THR A 174 0.05 -22.89 13.81
C THR A 174 0.66 -22.51 12.46
N TYR A 175 -0.16 -21.92 11.57
CA TYR A 175 0.18 -21.49 10.19
C TYR A 175 1.30 -20.49 10.16
N LEU A 176 1.22 -19.47 11.03
CA LEU A 176 2.30 -18.53 11.23
C LEU A 176 3.58 -19.21 11.73
N GLY A 177 3.43 -20.18 12.64
CA GLY A 177 4.57 -20.79 13.32
C GLY A 177 5.47 -19.76 13.97
N GLU A 178 6.77 -19.96 13.89
CA GLU A 178 7.69 -19.02 14.51
C GLU A 178 7.79 -17.70 13.77
N ALA A 179 6.97 -17.52 12.73
CA ALA A 179 6.93 -16.23 12.05
C ALA A 179 6.40 -15.13 12.99
N LYS A 180 5.62 -15.56 14.00
CA LYS A 180 5.05 -14.68 15.03
C LYS A 180 6.13 -13.83 15.66
N PHE A 181 7.26 -14.49 15.91
CA PHE A 181 8.45 -13.89 16.50
C PHE A 181 8.81 -12.59 15.78
N TYR A 182 8.71 -12.60 14.46
CA TYR A 182 9.16 -11.45 13.68
C TYR A 182 8.07 -10.43 13.56
N MET A 183 6.83 -10.90 13.42
CA MET A 183 5.68 -9.98 13.44
C MET A 183 5.70 -9.12 14.71
N ASP A 184 6.05 -9.76 15.84
CA ASP A 184 6.13 -9.10 17.14
C ASP A 184 7.00 -7.87 17.12
N HIS A 185 8.05 -7.87 16.31
CA HIS A 185 8.91 -6.69 16.22
C HIS A 185 8.15 -5.40 15.95
N MET A 186 6.95 -5.51 15.38
CA MET A 186 6.13 -4.36 15.02
C MET A 186 4.79 -4.41 15.73
N LEU A 187 4.26 -5.60 15.90
CA LEU A 187 2.93 -5.75 16.45
C LEU A 187 2.85 -5.74 17.99
N ASP A 188 3.95 -6.08 18.68
CA ASP A 188 3.93 -6.27 20.14
C ASP A 188 4.98 -5.49 20.93
N ARG A 189 5.26 -4.25 20.54
CA ARG A 189 6.29 -3.45 21.22
C ARG A 189 5.79 -2.72 22.47
N THR A 190 4.51 -2.92 22.77
CA THR A 190 3.84 -2.30 23.90
C THR A 190 2.60 -3.11 24.24
N GLU A 191 2.18 -3.03 25.51
CA GLU A 191 0.95 -3.73 25.96
C GLU A 191 -0.30 -3.08 25.33
N ALA A 192 -0.08 -1.92 24.72
CA ALA A 192 -1.16 -1.15 24.11
C ALA A 192 -1.51 -1.67 22.74
N GLY A 193 -0.59 -2.43 22.14
CA GLY A 193 -0.72 -2.88 20.76
C GLY A 193 -0.63 -1.73 19.76
N THR A 194 -1.20 -1.96 18.58
CA THR A 194 -1.09 -1.06 17.43
C THR A 194 -2.46 -0.66 16.94
N GLU A 195 -2.62 0.60 16.56
CA GLU A 195 -3.78 1.03 15.77
C GLU A 195 -3.29 1.33 14.37
N ALA A 196 -4.19 1.28 13.39
CA ALA A 196 -3.85 1.71 12.03
C ALA A 196 -4.23 3.16 11.82
N ILE A 197 -3.32 3.96 11.30
CA ILE A 197 -3.72 5.30 10.87
C ILE A 197 -4.83 5.17 9.80
N PRO A 198 -5.97 5.87 10.01
CA PRO A 198 -7.11 5.71 9.09
C PRO A 198 -6.77 6.07 7.63
N GLY A 199 -7.30 5.27 6.71
CA GLY A 199 -7.05 5.45 5.28
C GLY A 199 -6.27 4.27 4.75
N VAL A 200 -6.80 3.63 3.73
CA VAL A 200 -6.06 2.60 3.04
C VAL A 200 -5.80 3.14 1.63
N GLN A 201 -4.55 3.10 1.16
CA GLN A 201 -4.27 3.56 -0.20
C GLN A 201 -4.29 2.41 -1.18
N LYS A 202 -5.04 2.54 -2.26
CA LYS A 202 -5.17 1.44 -3.21
C LYS A 202 -4.61 1.78 -4.58
N TRP A 203 -3.81 0.90 -5.16
CA TRP A 203 -3.42 1.14 -6.55
C TRP A 203 -3.14 -0.09 -7.40
N VAL A 204 -3.28 0.08 -8.73
CA VAL A 204 -3.11 -1.06 -9.64
C VAL A 204 -1.68 -1.12 -10.22
N ILE A 205 -1.04 -2.28 -10.05
CA ILE A 205 0.27 -2.49 -10.65
C ILE A 205 0.20 -3.72 -11.55
N PRO A 206 0.31 -3.50 -12.89
CA PRO A 206 0.27 -4.65 -13.77
C PRO A 206 1.54 -5.52 -13.71
N CYS A 207 1.66 -6.37 -12.69
CA CYS A 207 2.70 -7.41 -12.61
C CYS A 207 2.20 -8.48 -11.70
N ASN A 208 2.80 -9.65 -11.76
CA ASN A 208 2.33 -10.79 -10.99
C ASN A 208 2.52 -10.59 -9.49
N TRP A 209 1.59 -11.07 -8.68
CA TRP A 209 1.62 -10.83 -7.23
C TRP A 209 2.87 -11.37 -6.55
N LYS A 210 3.40 -12.46 -7.08
CA LYS A 210 4.61 -13.07 -6.53
C LYS A 210 5.83 -12.13 -6.55
N PHE A 211 5.98 -11.28 -7.58
CA PHE A 211 7.08 -10.34 -7.54
C PHE A 211 7.00 -9.47 -6.30
N ALA A 212 5.82 -8.93 -6.01
CA ALA A 212 5.60 -8.13 -4.80
C ALA A 212 5.84 -8.98 -3.55
N ALA A 213 5.14 -10.11 -3.44
CA ALA A 213 5.26 -10.95 -2.23
C ALA A 213 6.72 -11.31 -1.98
N GLU A 214 7.39 -11.84 -3.00
CA GLU A 214 8.77 -12.31 -2.90
C GLU A 214 9.71 -11.22 -2.44
N GLN A 215 9.50 -10.00 -2.95
CA GLN A 215 10.37 -8.88 -2.58
C GLN A 215 10.29 -8.59 -1.10
N PHE A 216 9.08 -8.62 -0.56
CA PHE A 216 8.95 -8.29 0.84
C PHE A 216 9.41 -9.46 1.70
N CYS A 217 9.42 -10.65 1.11
CA CYS A 217 9.85 -11.85 1.80
C CYS A 217 11.34 -11.86 2.04
N SER A 218 12.12 -11.56 1.01
CA SER A 218 13.55 -11.75 1.12
C SER A 218 14.44 -10.75 0.39
N ASP A 219 13.88 -9.72 -0.21
CA ASP A 219 14.66 -8.92 -1.14
C ASP A 219 15.23 -7.65 -0.54
N MET A 220 16.06 -7.79 0.51
CA MET A 220 16.80 -6.62 1.04
C MET A 220 17.78 -6.12 -0.01
N TYR A 221 18.38 -7.07 -0.74
CA TYR A 221 19.26 -6.82 -1.88
C TYR A 221 18.86 -5.60 -2.71
N HIS A 222 17.60 -5.50 -3.10
CA HIS A 222 17.18 -4.41 -3.98
C HIS A 222 17.29 -3.05 -3.32
N ALA A 223 17.00 -2.97 -2.03
CA ALA A 223 17.09 -1.68 -1.31
C ALA A 223 18.55 -1.24 -1.19
N GLY A 224 19.39 -2.23 -0.84
CA GLY A 224 20.82 -2.03 -0.61
C GLY A 224 21.72 -1.96 -1.84
N THR A 225 21.13 -1.88 -3.03
CA THR A 225 21.87 -1.76 -4.31
C THR A 225 21.36 -0.57 -5.14
N THR A 226 20.70 -0.83 -6.28
CA THR A 226 20.37 0.25 -7.23
C THR A 226 18.90 0.67 -7.30
N SER A 227 18.01 -0.19 -6.84
CA SER A 227 16.55 0.01 -6.91
C SER A 227 16.05 1.33 -6.31
N HIS A 228 16.65 1.76 -5.20
CA HIS A 228 16.13 2.90 -4.43
C HIS A 228 17.19 3.95 -4.12
N LEU A 229 18.20 4.04 -4.98
CA LEU A 229 19.27 5.02 -4.78
C LEU A 229 18.75 6.45 -4.65
N SER A 230 17.72 6.79 -5.40
CA SER A 230 17.22 8.17 -5.42
C SER A 230 16.27 8.47 -4.26
N GLY A 231 15.54 7.45 -3.84
CA GLY A 231 14.66 7.57 -2.69
C GLY A 231 15.43 7.83 -1.42
N ILE A 232 16.59 7.18 -1.31
CA ILE A 232 17.50 7.39 -0.20
C ILE A 232 18.03 8.83 -0.23
N LEU A 233 18.45 9.27 -1.40
CA LEU A 233 19.02 10.59 -1.58
C LEU A 233 18.03 11.70 -1.23
N ALA A 234 16.75 11.38 -1.38
CA ALA A 234 15.67 12.31 -1.11
C ALA A 234 15.58 12.59 0.37
N GLY A 235 15.86 11.58 1.19
CA GLY A 235 15.80 11.71 2.65
C GLY A 235 17.07 12.23 3.32
N LEU A 236 18.12 12.50 2.54
CA LEU A 236 19.40 12.95 3.09
C LEU A 236 19.53 14.47 3.08
N PRO A 237 20.26 15.05 4.08
CA PRO A 237 20.52 16.50 4.08
C PRO A 237 21.43 16.99 2.92
N GLU A 238 21.45 18.31 2.70
CA GLU A 238 21.85 18.94 1.41
C GLU A 238 23.29 18.75 0.86
N GLU A 241 25.69 15.75 1.58
CA GLU A 241 25.80 14.36 1.13
C GLU A 241 25.32 14.21 -0.30
N MET A 242 26.03 13.41 -1.08
CA MET A 242 25.57 12.96 -2.40
C MET A 242 25.80 11.45 -2.58
N ALA A 243 26.19 11.01 -3.77
CA ALA A 243 26.46 9.58 -4.04
C ALA A 243 27.74 9.05 -3.34
N ASP A 244 27.72 9.07 -2.02
CA ASP A 244 28.75 8.48 -1.15
C ASP A 244 28.03 7.96 0.12
N LEU A 245 26.87 7.35 -0.09
CA LEU A 245 25.98 6.87 0.99
C LEU A 245 26.38 5.48 1.49
N ALA A 246 26.59 5.36 2.81
CA ALA A 246 27.01 4.08 3.44
C ALA A 246 25.84 3.07 3.57
N PRO A 247 25.88 1.95 2.82
CA PRO A 247 24.77 1.00 2.91
C PRO A 247 25.02 0.00 4.04
N PRO A 248 24.02 -0.24 4.92
CA PRO A 248 24.28 -1.15 6.02
C PRO A 248 24.70 -2.53 5.49
N THR A 249 25.66 -3.18 6.14
CA THR A 249 26.10 -4.49 5.64
C THR A 249 25.90 -5.60 6.67
N VAL A 250 25.69 -5.24 7.93
CA VAL A 250 25.43 -6.22 9.00
C VAL A 250 23.92 -6.44 9.16
N GLY A 251 23.49 -7.69 9.09
CA GLY A 251 22.09 -8.01 9.28
C GLY A 251 21.84 -9.50 9.25
N LYS A 252 20.57 -9.88 9.26
CA LYS A 252 20.20 -11.28 9.27
C LYS A 252 19.01 -11.49 8.35
N GLN A 253 18.78 -12.73 7.93
CA GLN A 253 17.56 -13.10 7.22
C GLN A 253 17.00 -14.43 7.70
N TYR A 254 15.66 -14.48 7.79
CA TYR A 254 14.93 -15.59 8.37
C TYR A 254 14.11 -16.30 7.30
N ARG A 255 14.20 -17.61 7.24
CA ARG A 255 13.30 -18.41 6.43
C ARG A 255 12.48 -19.34 7.33
N ALA A 256 11.15 -19.24 7.28
CA ALA A 256 10.26 -20.05 8.15
C ALA A 256 10.52 -21.55 8.00
N SER A 257 10.25 -22.34 9.04
CA SER A 257 10.52 -23.79 8.99
C SER A 257 9.50 -24.46 8.11
N TRP A 258 8.28 -23.91 8.11
CA TRP A 258 7.21 -24.35 7.22
C TRP A 258 6.41 -23.11 6.80
N GLY A 259 5.77 -23.19 5.63
CA GLY A 259 4.75 -22.21 5.23
C GLY A 259 5.16 -21.02 4.39
N GLY A 260 6.45 -20.85 4.15
CA GLY A 260 6.93 -19.91 3.15
C GLY A 260 7.05 -18.46 3.56
N HIS A 261 6.98 -18.17 4.85
CA HIS A 261 7.25 -16.80 5.33
C HIS A 261 8.73 -16.49 5.38
N GLY A 262 9.07 -15.21 5.41
CA GLY A 262 10.45 -14.80 5.55
C GLY A 262 10.52 -13.36 5.99
N SER A 263 11.67 -12.99 6.54
CA SER A 263 11.91 -11.63 6.97
C SER A 263 13.40 -11.42 6.94
N GLY A 264 13.83 -10.19 6.67
CA GLY A 264 15.23 -9.83 6.80
C GLY A 264 15.28 -8.46 7.44
N PHE A 265 16.40 -8.11 8.07
CA PHE A 265 16.54 -6.83 8.78
C PHE A 265 18.01 -6.52 8.97
N TYR A 266 18.31 -5.22 9.08
CA TYR A 266 19.64 -4.74 9.43
C TYR A 266 19.81 -4.68 10.93
N VAL A 267 21.03 -4.86 11.41
CA VAL A 267 21.34 -4.73 12.86
C VAL A 267 22.35 -3.61 13.10
N GLY A 268 22.06 -2.73 14.04
CA GLY A 268 23.02 -1.72 14.45
C GLY A 268 23.19 -0.51 13.57
N ASP A 269 23.08 -0.66 12.26
CA ASP A 269 23.40 0.45 11.36
C ASP A 269 22.20 1.39 11.08
N PRO A 270 22.16 2.58 11.73
CA PRO A 270 20.94 3.39 11.61
C PRO A 270 20.82 4.21 10.30
N ASN A 271 21.71 3.93 9.34
CA ASN A 271 21.80 4.74 8.11
C ASN A 271 20.59 4.67 7.18
N LEU A 272 20.12 3.45 6.88
CA LEU A 272 18.95 3.33 6.00
C LEU A 272 17.67 3.81 6.69
N MET A 273 17.49 3.48 7.98
CA MET A 273 16.32 3.97 8.70
C MET A 273 16.30 5.49 8.72
N LEU A 274 17.46 6.11 8.85
CA LEU A 274 17.48 7.55 8.88
C LEU A 274 17.00 8.16 7.58
N ALA A 275 17.46 7.62 6.47
CA ALA A 275 17.07 8.09 5.14
C ALA A 275 15.56 7.95 4.87
N ILE A 276 14.97 6.87 5.37
CA ILE A 276 13.58 6.58 5.09
C ILE A 276 12.71 7.30 6.08
N MET A 277 12.89 7.03 7.36
CA MET A 277 11.97 7.51 8.41
C MET A 277 12.32 8.85 9.07
N GLY A 278 13.56 9.33 8.91
CA GLY A 278 14.00 10.58 9.55
C GLY A 278 14.51 10.39 10.98
N PRO A 279 15.10 11.44 11.60
CA PRO A 279 15.71 11.26 12.92
C PRO A 279 14.69 11.08 14.07
N LYS A 280 13.57 11.81 14.01
CA LYS A 280 12.55 11.66 15.05
C LYS A 280 12.11 10.20 15.21
N VAL A 281 11.74 9.53 14.11
CA VAL A 281 11.23 8.14 14.21
C VAL A 281 12.34 7.16 14.60
N THR A 282 13.46 7.21 13.88
CA THR A 282 14.65 6.38 14.15
C THR A 282 15.07 6.44 15.63
N SER A 283 15.00 7.64 16.20
CA SER A 283 15.22 7.83 17.63
C SER A 283 14.19 7.01 18.42
N TYR A 284 12.90 7.35 18.29
CA TYR A 284 11.80 6.65 18.97
C TYR A 284 11.93 5.12 18.94
N TRP A 285 12.53 4.63 17.86
CA TRP A 285 12.55 3.21 17.54
C TRP A 285 13.71 2.49 18.21
N THR A 286 14.79 3.22 18.47
CA THR A 286 16.07 2.62 18.88
C THR A 286 16.60 3.05 20.27
N GLU A 287 16.13 4.20 20.78
CA GLU A 287 16.63 4.74 22.05
C GLU A 287 15.51 5.51 22.75
N GLY A 288 15.57 5.56 24.09
CA GLY A 288 14.53 6.24 24.89
C GLY A 288 13.51 5.27 25.49
N PRO A 289 12.50 5.83 26.20
CA PRO A 289 11.51 5.03 26.96
C PRO A 289 10.82 3.94 26.13
N ALA A 290 10.21 4.35 25.00
CA ALA A 290 9.44 3.41 24.16
C ALA A 290 10.30 2.27 23.57
N SER A 291 11.53 2.60 23.14
CA SER A 291 12.45 1.59 22.68
C SER A 291 12.81 0.60 23.79
N GLU A 292 13.04 1.12 25.01
CA GLU A 292 13.33 0.24 26.16
C GLU A 292 12.18 -0.75 26.42
N LYS A 293 10.93 -0.24 26.46
CA LYS A 293 9.75 -1.07 26.73
C LYS A 293 9.66 -2.23 25.73
N ALA A 294 10.09 -1.95 24.50
CA ALA A 294 10.09 -2.91 23.40
C ALA A 294 11.12 -3.99 23.66
N ALA A 295 12.34 -3.55 24.01
CA ALA A 295 13.45 -4.46 24.32
C ALA A 295 13.08 -5.45 25.43
N GLU A 296 12.48 -4.91 26.49
CA GLU A 296 11.96 -5.69 27.61
C GLU A 296 10.96 -6.74 27.16
N ARG A 297 9.89 -6.31 26.50
CA ARG A 297 8.84 -7.21 25.98
C ARG A 297 9.35 -8.25 25.00
N LEU A 298 10.20 -7.79 24.08
CA LEU A 298 10.75 -8.63 23.03
C LEU A 298 11.83 -9.59 23.54
N GLY A 299 12.27 -9.35 24.78
CA GLY A 299 13.18 -10.23 25.54
C GLY A 299 14.64 -9.97 25.26
N SER A 300 14.93 -8.93 24.50
CA SER A 300 16.28 -8.69 23.99
C SER A 300 16.53 -7.23 23.65
N VAL A 301 17.71 -6.74 24.01
CA VAL A 301 18.04 -5.36 23.71
C VAL A 301 18.22 -5.23 22.19
N GLU A 302 18.67 -6.31 21.55
CA GLU A 302 18.93 -6.27 20.12
C GLU A 302 17.61 -6.11 19.35
N ARG A 303 16.75 -7.12 19.50
CA ARG A 303 15.41 -7.12 18.94
C ARG A 303 14.65 -5.80 19.10
N GLY A 304 14.73 -5.19 20.26
CA GLY A 304 13.92 -4.01 20.53
C GLY A 304 14.51 -2.74 20.00
N SER A 305 15.84 -2.67 20.00
CA SER A 305 16.49 -1.37 19.84
C SER A 305 17.57 -1.35 18.78
N LYS A 306 17.96 -2.52 18.28
CA LYS A 306 19.08 -2.60 17.32
C LYS A 306 18.68 -2.91 15.86
N LEU A 307 17.42 -3.33 15.64
CA LEU A 307 16.91 -3.69 14.29
C LEU A 307 16.49 -2.43 13.53
N MET A 308 16.99 -2.26 12.30
CA MET A 308 16.89 -0.95 11.64
C MET A 308 16.00 -0.78 10.39
N VAL A 309 16.06 -1.62 9.36
CA VAL A 309 14.77 -1.70 8.68
C VAL A 309 14.01 -2.96 9.05
N GLU A 310 14.19 -4.07 8.35
CA GLU A 310 13.25 -5.21 8.42
C GLU A 310 12.08 -5.09 7.45
N HIS A 311 12.00 -6.14 6.64
CA HIS A 311 10.93 -6.40 5.71
C HIS A 311 10.43 -7.80 6.02
N MET A 312 9.18 -8.07 5.67
CA MET A 312 8.63 -9.39 5.94
C MET A 312 7.38 -9.69 5.13
N THR A 313 7.28 -10.96 4.72
CA THR A 313 6.05 -11.49 4.15
C THR A 313 5.50 -12.68 4.93
N VAL A 314 4.22 -12.59 5.27
CA VAL A 314 3.47 -13.76 5.71
C VAL A 314 2.81 -14.31 4.45
N PHE A 315 3.26 -15.49 4.02
CA PHE A 315 2.80 -16.10 2.79
C PHE A 315 1.28 -16.22 2.81
N PRO A 316 0.62 -16.02 1.65
CA PRO A 316 1.07 -15.62 0.32
C PRO A 316 1.31 -14.14 0.17
N THR A 317 0.37 -13.31 0.59
CA THR A 317 0.37 -11.91 0.18
C THR A 317 0.25 -10.85 1.28
N CYS A 318 0.72 -11.18 2.49
CA CYS A 318 0.69 -10.27 3.63
C CYS A 318 2.08 -9.72 3.91
N SER A 319 2.26 -8.41 3.76
CA SER A 319 3.60 -7.83 3.79
C SER A 319 3.68 -6.50 4.52
N PHE A 320 4.79 -6.29 5.22
CA PHE A 320 4.99 -5.09 6.05
C PHE A 320 6.46 -4.88 6.34
N LEU A 321 6.80 -3.67 6.75
CA LEU A 321 8.15 -3.29 7.03
C LEU A 321 8.27 -2.70 8.44
N PRO A 322 8.45 -3.57 9.48
CA PRO A 322 8.56 -3.13 10.87
C PRO A 322 9.61 -2.05 10.97
N GLY A 323 9.28 -0.90 11.55
CA GLY A 323 10.23 0.19 11.64
C GLY A 323 9.82 1.30 10.72
N ILE A 324 9.44 0.94 9.50
CA ILE A 324 8.81 1.88 8.56
C ILE A 324 7.32 1.84 8.87
N ASN A 325 6.80 0.62 9.02
CA ASN A 325 5.45 0.38 9.51
C ASN A 325 4.28 0.54 8.54
N THR A 326 4.57 0.36 7.25
CA THR A 326 3.55 0.20 6.25
C THR A 326 3.15 -1.27 6.25
N VAL A 327 1.85 -1.54 6.23
CA VAL A 327 1.34 -2.90 6.05
C VAL A 327 0.60 -2.93 4.70
N ARG A 328 0.61 -4.06 3.99
CA ARG A 328 -0.20 -4.19 2.79
C ARG A 328 -0.62 -5.59 2.40
N THR A 329 -1.70 -5.67 1.64
CA THR A 329 -2.09 -6.90 0.99
C THR A 329 -1.91 -6.74 -0.52
N TRP A 330 -1.34 -7.77 -1.13
CA TRP A 330 -1.25 -7.86 -2.59
C TRP A 330 -2.47 -8.60 -3.12
N HIS A 331 -3.38 -7.86 -3.76
CA HIS A 331 -4.56 -8.50 -4.32
C HIS A 331 -4.34 -8.92 -5.78
N PRO A 332 -4.39 -10.22 -6.03
CA PRO A 332 -4.14 -10.74 -7.36
C PRO A 332 -5.25 -10.41 -8.36
N ARG A 333 -4.88 -10.01 -9.58
CA ARG A 333 -5.83 -9.70 -10.62
C ARG A 333 -5.45 -10.42 -11.88
N GLY A 334 -5.53 -11.75 -11.90
CA GLY A 334 -4.88 -12.51 -12.96
C GLY A 334 -3.36 -12.50 -12.81
N PRO A 335 -2.65 -13.31 -13.60
CA PRO A 335 -1.21 -13.43 -13.50
C PRO A 335 -0.48 -12.15 -13.85
N ASN A 336 -1.19 -11.17 -14.40
CA ASN A 336 -0.51 -10.04 -15.02
C ASN A 336 -0.70 -8.71 -14.31
N GLU A 337 -1.38 -8.74 -13.17
CA GLU A 337 -1.71 -7.52 -12.46
C GLU A 337 -1.99 -7.84 -10.98
N VAL A 338 -1.74 -6.83 -10.14
CA VAL A 338 -1.92 -6.95 -8.71
C VAL A 338 -2.37 -5.60 -8.17
N GLU A 339 -3.33 -5.58 -7.27
CA GLU A 339 -3.62 -4.33 -6.55
C GLU A 339 -2.86 -4.29 -5.22
N VAL A 340 -2.35 -3.11 -4.87
CA VAL A 340 -1.74 -2.87 -3.57
C VAL A 340 -2.74 -2.10 -2.70
N TRP A 341 -3.11 -2.68 -1.58
CA TRP A 341 -3.92 -1.97 -0.59
C TRP A 341 -3.06 -1.88 0.63
N ALA A 342 -2.69 -0.66 0.97
CA ALA A 342 -1.72 -0.46 2.02
C ALA A 342 -2.16 0.63 3.01
N PHE A 343 -1.86 0.36 4.27
CA PHE A 343 -2.09 1.30 5.37
C PHE A 343 -0.84 1.34 6.27
N THR A 344 -0.92 2.09 7.38
CA THR A 344 0.24 2.31 8.26
C THR A 344 -0.15 2.09 9.70
N VAL A 345 0.61 1.27 10.42
CA VAL A 345 0.28 1.03 11.83
C VAL A 345 1.23 1.76 12.78
N VAL A 346 0.69 2.29 13.86
CA VAL A 346 1.53 2.88 14.90
C VAL A 346 1.21 2.24 16.26
N ASP A 347 2.16 2.27 17.18
CA ASP A 347 1.87 1.85 18.54
C ASP A 347 0.75 2.73 19.08
N ALA A 348 -0.30 2.08 19.58
CA ALA A 348 -1.51 2.79 20.00
C ALA A 348 -1.25 3.92 21.00
N ASP A 349 -0.14 3.86 21.71
CA ASP A 349 0.11 4.73 22.84
C ASP A 349 1.31 5.64 22.60
N ALA A 350 1.89 5.55 21.41
CA ALA A 350 3.01 6.40 21.05
C ALA A 350 2.51 7.82 21.05
N PRO A 351 3.38 8.79 21.33
CA PRO A 351 2.91 10.18 21.40
C PRO A 351 2.35 10.72 20.08
N ASP A 352 1.40 11.63 20.19
CA ASP A 352 0.86 12.42 19.08
C ASP A 352 1.77 12.60 17.90
N ASP A 353 2.90 13.24 18.14
CA ASP A 353 3.73 13.72 17.07
C ASP A 353 4.56 12.58 16.48
N ILE A 354 4.73 11.47 17.22
CA ILE A 354 5.40 10.31 16.65
C ILE A 354 4.49 9.66 15.62
N LYS A 355 3.20 9.55 15.97
CA LYS A 355 2.18 8.99 15.08
C LYS A 355 2.10 9.78 13.77
N GLU A 356 2.03 11.10 13.92
CA GLU A 356 1.99 12.01 12.81
C GLU A 356 3.26 11.86 11.97
N GLU A 357 4.38 11.72 12.64
CA GLU A 357 5.65 11.52 11.97
C GLU A 357 5.64 10.20 11.17
N PHE A 358 5.21 9.11 11.78
CA PHE A 358 4.99 7.85 11.04
C PHE A 358 4.05 8.00 9.84
N ARG A 359 3.04 8.85 9.95
CA ARG A 359 2.11 9.08 8.84
C ARG A 359 2.84 9.78 7.69
N ARG A 360 3.31 11.00 7.93
CA ARG A 360 3.97 11.77 6.89
C ARG A 360 5.07 10.91 6.22
N GLN A 361 5.80 10.14 7.02
CA GLN A 361 6.97 9.44 6.51
C GLN A 361 6.63 8.25 5.64
N THR A 362 5.72 7.41 6.12
CA THR A 362 5.32 6.25 5.33
C THR A 362 4.76 6.69 3.98
N LEU A 363 3.84 7.67 3.96
CA LEU A 363 3.28 8.16 2.69
C LEU A 363 4.32 8.84 1.78
N ARG A 364 5.33 9.47 2.37
CA ARG A 364 6.39 10.10 1.60
C ARG A 364 7.29 9.06 0.94
N THR A 365 7.26 7.83 1.45
CA THR A 365 8.22 6.84 0.99
C THR A 365 7.59 5.62 0.37
N PHE A 366 6.85 4.84 1.16
CA PHE A 366 6.27 3.60 0.67
C PHE A 366 4.83 3.65 0.24
N SER A 367 4.51 4.64 -0.59
CA SER A 367 3.18 4.81 -1.10
C SER A 367 3.24 4.81 -2.64
N ALA A 368 2.09 4.63 -3.30
CA ALA A 368 1.97 4.86 -4.75
C ALA A 368 2.83 6.00 -5.29
N GLY A 369 2.73 7.20 -4.69
CA GLY A 369 3.58 8.29 -5.11
C GLY A 369 4.79 8.53 -4.22
N GLY A 370 5.12 7.57 -3.35
CA GLY A 370 6.22 7.73 -2.40
C GLY A 370 7.55 7.60 -3.09
N VAL A 371 8.57 8.28 -2.58
CA VAL A 371 9.89 8.30 -3.25
C VAL A 371 10.59 6.94 -3.30
N PHE A 372 10.03 5.94 -2.64
CA PHE A 372 10.53 4.60 -2.80
C PHE A 372 9.63 3.78 -3.69
N GLU A 373 8.37 3.66 -3.29
CA GLU A 373 7.51 2.73 -3.96
C GLU A 373 7.13 3.13 -5.42
N GLN A 374 7.19 4.43 -5.73
CA GLN A 374 7.25 4.94 -7.11
C GLN A 374 8.05 4.04 -8.03
N ASP A 375 9.30 3.77 -7.64
CA ASP A 375 10.25 3.06 -8.44
C ASP A 375 9.97 1.56 -8.51
N ASP A 376 9.45 0.97 -7.43
CA ASP A 376 9.13 -0.45 -7.50
C ASP A 376 8.01 -0.66 -8.52
N GLY A 377 7.04 0.27 -8.53
CA GLY A 377 5.94 0.26 -9.49
C GLY A 377 6.48 0.19 -10.91
N GLU A 378 7.32 1.15 -11.25
CA GLU A 378 7.98 1.19 -12.55
C GLU A 378 8.76 -0.08 -12.95
N ASN A 379 9.52 -0.65 -12.04
CA ASN A 379 10.27 -1.86 -12.36
C ASN A 379 9.32 -2.98 -12.63
N TRP A 380 8.39 -3.21 -11.71
CA TRP A 380 7.57 -4.43 -11.74
C TRP A 380 6.80 -4.60 -13.02
N VAL A 381 6.34 -3.47 -13.55
CA VAL A 381 5.55 -3.42 -14.76
C VAL A 381 6.39 -3.92 -15.93
N GLU A 382 7.61 -3.41 -16.02
CA GLU A 382 8.55 -3.84 -17.05
C GLU A 382 8.79 -5.36 -17.02
N ILE A 383 9.16 -5.88 -15.85
CA ILE A 383 9.33 -7.32 -15.67
C ILE A 383 8.20 -8.11 -16.35
N GLN A 384 6.96 -7.72 -16.04
CA GLN A 384 5.80 -8.41 -16.53
C GLN A 384 5.67 -8.20 -18.03
N HIS A 385 5.73 -6.95 -18.50
CA HIS A 385 5.59 -6.61 -19.93
C HIS A 385 6.54 -7.47 -20.78
N ILE A 386 7.77 -7.63 -20.29
CA ILE A 386 8.74 -8.41 -21.07
C ILE A 386 8.20 -9.81 -21.21
N LEU A 387 7.56 -10.31 -20.16
CA LEU A 387 7.25 -11.72 -20.06
C LEU A 387 6.25 -12.10 -21.11
N ARG A 388 5.72 -11.09 -21.78
CA ARG A 388 4.81 -11.28 -22.88
C ARG A 388 5.52 -12.06 -24.03
N GLY A 389 6.85 -11.98 -24.10
CA GLY A 389 7.63 -12.63 -25.13
C GLY A 389 7.83 -14.12 -24.94
N HIS A 390 8.19 -14.82 -26.02
CA HIS A 390 8.33 -16.27 -25.97
C HIS A 390 9.64 -16.68 -25.38
N LYS A 391 10.74 -16.27 -26.01
CA LYS A 391 12.08 -16.56 -25.50
C LYS A 391 12.28 -16.05 -24.04
N ALA A 392 11.53 -15.01 -23.64
CA ALA A 392 11.59 -14.43 -22.30
C ALA A 392 11.02 -15.35 -21.25
N ARG A 393 10.25 -16.33 -21.69
CA ARG A 393 9.59 -17.27 -20.79
C ARG A 393 10.24 -18.66 -20.80
N SER A 394 11.33 -18.81 -21.56
CA SER A 394 11.83 -20.12 -21.90
C SER A 394 13.04 -20.55 -21.13
N ARG A 395 13.61 -19.64 -20.34
CA ARG A 395 14.73 -19.99 -19.47
C ARG A 395 14.40 -19.53 -18.06
N PRO A 396 14.89 -20.26 -17.03
CA PRO A 396 14.66 -19.88 -15.64
C PRO A 396 15.32 -18.59 -15.21
N PHE A 397 14.77 -17.98 -14.16
CA PHE A 397 15.35 -16.86 -13.48
C PHE A 397 16.30 -17.41 -12.45
N ASN A 398 17.26 -16.58 -12.04
CA ASN A 398 18.28 -17.03 -11.08
C ASN A 398 17.92 -16.81 -9.60
N ALA A 399 17.60 -17.91 -8.92
CA ALA A 399 17.30 -17.84 -7.50
C ALA A 399 18.36 -18.56 -6.66
N GLU A 400 19.64 -18.40 -7.02
CA GLU A 400 20.69 -19.20 -6.35
C GLU A 400 21.46 -18.40 -5.30
N MET A 401 21.04 -17.15 -5.08
CA MET A 401 21.73 -16.26 -4.16
C MET A 401 21.93 -16.88 -2.79
N SER A 402 23.15 -16.72 -2.26
CA SER A 402 23.59 -17.13 -0.90
C SER A 402 23.09 -18.49 -0.47
N MET A 403 23.45 -19.51 -1.22
CA MET A 403 23.06 -20.86 -0.86
C MET A 403 23.89 -21.40 0.33
N ASP A 404 23.29 -22.34 1.07
CA ASP A 404 23.98 -23.05 2.17
C ASP A 404 24.64 -22.15 3.21
N GLN A 405 24.03 -21.02 3.53
CA GLN A 405 24.58 -20.11 4.55
C GLN A 405 23.63 -19.98 5.73
N THR A 406 22.94 -21.06 6.07
CA THR A 406 21.95 -21.00 7.15
C THR A 406 22.18 -22.01 8.28
N VAL A 407 22.35 -21.50 9.50
CA VAL A 407 22.15 -22.31 10.69
C VAL A 407 20.66 -22.35 11.02
N ASP A 408 20.19 -23.42 11.66
CA ASP A 408 18.79 -23.48 12.09
C ASP A 408 18.67 -23.68 13.61
N ASN A 409 19.58 -23.04 14.35
CA ASN A 409 19.67 -23.18 15.80
C ASN A 409 20.27 -21.94 16.47
N ASP A 410 20.12 -20.76 15.87
CA ASP A 410 20.62 -19.51 16.47
C ASP A 410 20.09 -19.39 17.91
N PRO A 411 20.96 -18.99 18.85
CA PRO A 411 20.54 -18.76 20.26
C PRO A 411 19.27 -17.89 20.41
N VAL A 412 19.16 -16.81 19.62
CA VAL A 412 18.08 -15.82 19.75
C VAL A 412 16.96 -15.95 18.69
N TYR A 413 17.30 -16.10 17.41
CA TYR A 413 16.32 -16.05 16.30
C TYR A 413 15.83 -17.43 15.82
N PRO A 414 14.52 -17.69 15.90
CA PRO A 414 14.07 -19.03 15.49
C PRO A 414 14.04 -19.26 13.98
N GLY A 415 13.87 -20.53 13.58
CA GLY A 415 13.78 -20.93 12.18
C GLY A 415 15.12 -21.01 11.50
N ARG A 416 15.15 -20.88 10.17
CA ARG A 416 16.38 -20.90 9.40
C ARG A 416 16.96 -19.49 9.22
N ILE A 417 17.96 -19.16 10.03
CA ILE A 417 18.57 -17.81 10.03
C ILE A 417 19.91 -17.82 9.31
N SER A 418 20.20 -16.72 8.64
CA SER A 418 21.44 -16.53 7.92
C SER A 418 22.01 -15.21 8.42
N ASN A 419 23.32 -15.01 8.20
CA ASN A 419 23.96 -13.75 8.64
C ASN A 419 24.20 -12.74 7.54
N ASN A 420 23.78 -13.15 6.34
CA ASN A 420 23.89 -12.38 5.14
C ASN A 420 22.50 -11.84 4.90
N VAL A 421 22.30 -10.54 5.12
CA VAL A 421 20.97 -9.95 4.91
C VAL A 421 20.62 -10.00 3.41
N TYR A 422 21.65 -10.14 2.58
CA TYR A 422 21.55 -10.21 1.14
C TYR A 422 21.49 -11.65 0.66
N SER A 423 20.32 -12.27 0.77
CA SER A 423 20.16 -13.67 0.40
C SER A 423 18.78 -13.94 -0.19
N GLU A 424 18.72 -14.97 -1.04
CA GLU A 424 17.44 -15.45 -1.57
C GLU A 424 17.01 -16.78 -0.92
N GLU A 425 17.45 -17.01 0.32
CA GLU A 425 17.06 -18.21 1.07
C GLU A 425 15.58 -18.13 1.48
N ALA A 426 15.16 -16.95 1.93
CA ALA A 426 13.76 -16.73 2.23
C ALA A 426 12.93 -16.92 0.97
N ALA A 427 13.24 -16.16 -0.09
CA ALA A 427 12.61 -16.35 -1.39
C ALA A 427 12.51 -17.84 -1.75
N ARG A 428 13.61 -18.57 -1.63
CA ARG A 428 13.58 -19.99 -1.95
C ARG A 428 12.54 -20.76 -1.15
N GLY A 429 12.33 -20.35 0.09
CA GLY A 429 11.30 -20.98 0.93
C GLY A 429 9.88 -20.63 0.47
N LEU A 430 9.71 -19.39 0.05
CA LEU A 430 8.42 -18.94 -0.42
C LEU A 430 8.01 -19.82 -1.60
N TYR A 431 8.88 -19.91 -2.58
CA TYR A 431 8.57 -20.68 -3.76
C TYR A 431 8.46 -22.16 -3.47
N ALA A 432 9.28 -22.66 -2.55
CA ALA A 432 9.20 -24.08 -2.20
C ALA A 432 7.84 -24.40 -1.59
N HIS A 433 7.34 -23.48 -0.78
CA HIS A 433 6.02 -23.65 -0.21
C HIS A 433 4.92 -23.49 -1.24
N TRP A 434 5.03 -22.46 -2.06
CA TRP A 434 4.09 -22.29 -3.15
C TRP A 434 4.01 -23.62 -3.90
N LEU A 435 5.17 -24.22 -4.15
CA LEU A 435 5.24 -25.48 -4.87
C LEU A 435 4.48 -26.60 -4.15
N ARG A 436 4.63 -26.69 -2.82
CA ARG A 436 3.93 -27.69 -1.99
C ARG A 436 2.42 -27.50 -2.15
N MET A 437 1.98 -26.25 -1.98
CA MET A 437 0.58 -25.86 -2.09
C MET A 437 0.01 -26.18 -3.45
N MET A 438 0.77 -25.91 -4.50
CA MET A 438 0.28 -26.12 -5.84
C MET A 438 0.16 -27.60 -6.21
N THR A 439 0.98 -28.45 -5.60
CA THR A 439 1.07 -29.85 -6.04
C THR A 439 0.34 -30.85 -5.13
N SER A 440 -0.78 -30.45 -4.53
CA SER A 440 -1.31 -31.24 -3.42
C SER A 440 -2.86 -31.48 -3.36
N ALA B 8 -14.08 24.46 -1.58
CA ALA B 8 -15.31 24.57 -0.73
C ALA B 8 -14.94 25.29 0.58
N ASP B 9 -15.86 25.24 1.59
CA ASP B 9 -16.21 26.35 2.57
C ASP B 9 -16.41 27.68 1.83
N VAL B 10 -15.30 28.25 1.35
CA VAL B 10 -15.26 29.36 0.40
C VAL B 10 -16.17 29.24 -0.83
N PHE B 11 -16.38 28.05 -1.38
CA PHE B 11 -17.15 27.99 -2.64
C PHE B 11 -18.62 27.56 -2.54
N LEU B 12 -19.23 27.74 -1.36
CA LEU B 12 -20.66 27.44 -1.15
C LEU B 12 -21.51 28.40 -1.93
N ARG B 13 -20.99 29.60 -2.12
CA ARG B 13 -21.69 30.63 -2.86
C ARG B 13 -20.96 31.01 -4.12
N LYS B 14 -21.66 31.03 -5.25
CA LYS B 14 -21.02 31.41 -6.52
C LYS B 14 -20.11 32.63 -6.30
N PRO B 15 -18.83 32.52 -6.65
CA PRO B 15 -17.91 33.64 -6.46
C PRO B 15 -18.39 34.97 -7.04
N ALA B 16 -18.07 36.06 -6.34
CA ALA B 16 -18.25 37.42 -6.86
C ALA B 16 -17.46 37.62 -8.16
N PRO B 17 -18.03 38.39 -9.10
CA PRO B 17 -17.29 38.76 -10.33
C PRO B 17 -15.93 39.39 -10.02
N VAL B 18 -14.94 39.14 -10.87
CA VAL B 18 -13.64 39.75 -10.66
C VAL B 18 -13.19 40.49 -11.89
N ALA B 19 -12.30 41.46 -11.73
CA ALA B 19 -11.73 42.12 -12.89
C ALA B 19 -11.15 41.09 -13.89
N PRO B 20 -11.37 41.28 -15.21
CA PRO B 20 -10.81 40.33 -16.17
C PRO B 20 -9.30 40.21 -16.09
N GLU B 21 -8.57 41.27 -15.78
CA GLU B 21 -7.09 41.14 -15.69
C GLU B 21 -6.65 40.29 -14.50
N LEU B 22 -7.51 40.16 -13.50
CA LEU B 22 -7.22 39.25 -12.40
C LEU B 22 -7.45 37.83 -12.85
N GLN B 23 -8.61 37.58 -13.49
CA GLN B 23 -8.93 36.27 -14.03
C GLN B 23 -7.78 35.81 -14.89
N HIS B 24 -7.39 36.67 -15.83
CA HIS B 24 -6.29 36.40 -16.72
C HIS B 24 -4.94 36.24 -16.02
N GLU B 25 -4.64 37.12 -15.08
CA GLU B 25 -3.39 36.98 -14.32
C GLU B 25 -3.25 35.58 -13.69
N VAL B 26 -4.34 35.09 -13.09
CA VAL B 26 -4.36 33.78 -12.43
C VAL B 26 -4.32 32.63 -13.44
N GLU B 27 -5.17 32.71 -14.47
CA GLU B 27 -5.18 31.69 -15.52
C GLU B 27 -3.78 31.56 -16.14
N GLN B 28 -3.17 32.70 -16.45
CA GLN B 28 -1.81 32.72 -16.98
C GLN B 28 -0.83 32.07 -16.02
N PHE B 29 -0.97 32.32 -14.73
CA PHE B 29 -0.13 31.66 -13.74
C PHE B 29 -0.18 30.16 -13.98
N TYR B 30 -1.40 29.62 -13.98
CA TYR B 30 -1.62 28.18 -14.11
C TYR B 30 -1.10 27.59 -15.41
N TYR B 31 -1.27 28.32 -16.51
CA TYR B 31 -0.76 27.88 -17.79
C TYR B 31 0.77 27.77 -17.78
N TRP B 32 1.38 28.77 -17.15
CA TRP B 32 2.81 28.80 -16.99
C TRP B 32 3.22 27.61 -16.14
N GLU B 33 2.50 27.40 -15.03
CA GLU B 33 2.82 26.31 -14.11
C GLU B 33 2.73 24.97 -14.81
N ALA B 34 1.70 24.83 -15.65
CA ALA B 34 1.52 23.61 -16.44
C ALA B 34 2.67 23.40 -17.41
N LYS B 35 3.04 24.46 -18.15
CA LYS B 35 4.20 24.39 -19.03
C LYS B 35 5.44 23.95 -18.26
N LEU B 36 5.63 24.47 -17.06
CA LEU B 36 6.79 24.05 -16.29
C LEU B 36 6.78 22.55 -15.99
N LEU B 37 5.68 22.06 -15.41
CA LEU B 37 5.54 20.63 -15.14
C LEU B 37 5.68 19.76 -16.41
N ASN B 38 4.91 20.13 -17.44
CA ASN B 38 4.83 19.38 -18.67
C ASN B 38 6.13 19.40 -19.41
N ASP B 39 6.96 20.42 -19.21
CA ASP B 39 8.24 20.46 -19.90
C ASP B 39 9.39 20.03 -19.03
N ARG B 40 9.10 19.30 -17.96
CA ARG B 40 10.11 18.77 -17.07
C ARG B 40 11.09 19.82 -16.48
N ARG B 41 10.61 21.03 -16.38
CA ARG B 41 11.33 22.12 -15.77
C ARG B 41 11.07 22.13 -14.27
N PHE B 42 11.42 21.03 -13.60
CA PHE B 42 11.08 20.86 -12.20
C PHE B 42 11.69 21.90 -11.28
N GLU B 43 12.96 22.24 -11.51
CA GLU B 43 13.64 23.20 -10.67
C GLU B 43 12.79 24.48 -10.58
N GLU B 44 12.49 25.10 -11.72
CA GLU B 44 11.62 26.30 -11.70
C GLU B 44 10.25 26.10 -11.06
N TRP B 45 9.63 24.93 -11.28
CA TRP B 45 8.33 24.64 -10.68
C TRP B 45 8.39 24.71 -9.16
N PHE B 46 9.38 24.05 -8.56
CA PHE B 46 9.51 24.07 -7.10
C PHE B 46 9.66 25.48 -6.59
N ALA B 47 10.33 26.34 -7.36
CA ALA B 47 10.47 27.75 -6.99
C ALA B 47 9.13 28.44 -6.82
N LEU B 48 8.07 27.94 -7.45
CA LEU B 48 6.72 28.49 -7.30
C LEU B 48 6.11 28.16 -5.96
N LEU B 49 6.66 27.16 -5.28
CA LEU B 49 6.11 26.74 -4.01
C LEU B 49 6.52 27.74 -2.94
N ALA B 50 5.51 28.33 -2.30
CA ALA B 50 5.72 29.18 -1.13
C ALA B 50 6.46 28.42 -0.04
N GLU B 51 7.18 29.15 0.80
CA GLU B 51 7.92 28.56 1.92
C GLU B 51 7.05 27.79 2.91
N ASP B 52 5.84 28.27 3.19
CA ASP B 52 4.86 27.49 4.00
C ASP B 52 3.96 26.55 3.15
N ILE B 53 4.53 25.95 2.10
CA ILE B 53 3.74 25.12 1.20
C ILE B 53 3.10 23.97 1.93
N HIS B 54 1.81 23.75 1.65
CA HIS B 54 1.12 22.56 2.11
C HIS B 54 0.42 21.85 0.95
N TYR B 55 1.01 20.73 0.52
CA TYR B 55 0.66 20.06 -0.73
C TYR B 55 -0.02 18.76 -0.38
N PHE B 56 -1.32 18.73 -0.60
CA PHE B 56 -2.21 17.74 0.01
C PHE B 56 -3.16 17.14 -1.01
N MET B 57 -3.15 15.81 -1.08
CA MET B 57 -4.04 15.07 -1.96
C MET B 57 -4.64 13.90 -1.19
N PRO B 58 -5.81 14.11 -0.58
CA PRO B 58 -6.52 13.10 0.22
C PRO B 58 -6.87 11.84 -0.57
N ILE B 59 -6.84 10.71 0.11
CA ILE B 59 -7.40 9.46 -0.40
C ILE B 59 -8.93 9.61 -0.50
N ARG B 60 -9.56 9.03 -1.54
CA ARG B 60 -11.00 9.16 -1.75
C ARG B 60 -11.65 7.78 -1.79
N THR B 61 -12.85 7.67 -1.20
CA THR B 61 -13.51 6.38 -1.01
C THR B 61 -14.93 6.33 -1.55
N THR B 62 -15.34 5.14 -1.95
CA THR B 62 -16.69 4.87 -2.41
C THR B 62 -17.59 4.72 -1.17
N ARG B 63 -18.47 5.71 -0.98
CA ARG B 63 -19.36 5.75 0.18
C ARG B 63 -20.82 5.79 -0.26
N ILE B 64 -21.70 5.15 0.52
CA ILE B 64 -23.17 5.26 0.44
C ILE B 64 -23.55 6.72 0.70
N MET B 65 -24.52 7.30 -0.04
CA MET B 65 -24.72 8.77 0.02
C MET B 65 -25.08 9.40 1.36
N ARG B 66 -25.68 8.68 2.31
CA ARG B 66 -25.76 9.27 3.67
C ARG B 66 -24.38 9.39 4.33
N ASP B 67 -23.53 8.38 4.14
CA ASP B 67 -22.16 8.40 4.65
C ASP B 67 -21.20 9.33 3.87
N SER B 68 -21.73 10.15 2.96
CA SER B 68 -20.85 10.84 2.02
C SER B 68 -19.95 11.95 2.57
N ARG B 69 -20.22 12.41 3.78
CA ARG B 69 -19.31 13.36 4.48
C ARG B 69 -17.94 12.71 4.77
N LEU B 70 -17.81 11.40 4.59
CA LEU B 70 -16.56 10.70 4.91
C LEU B 70 -15.80 10.23 3.67
N GLU B 71 -16.10 10.87 2.55
CA GLU B 71 -15.60 10.49 1.24
C GLU B 71 -14.10 10.66 1.12
N TYR B 72 -13.62 11.82 1.54
CA TYR B 72 -12.21 12.17 1.52
C TYR B 72 -11.55 11.97 2.88
N SER B 73 -10.34 11.43 2.87
CA SER B 73 -9.53 11.29 4.08
C SER B 73 -9.40 12.66 4.72
N GLY B 74 -9.32 12.70 6.05
CA GLY B 74 -9.29 13.96 6.76
C GLY B 74 -7.91 14.42 7.16
N SER B 75 -7.91 15.39 8.07
CA SER B 75 -6.75 16.13 8.57
C SER B 75 -5.53 15.31 9.00
N ARG B 76 -5.76 14.37 9.93
CA ARG B 76 -4.68 13.58 10.51
C ARG B 76 -4.72 12.16 9.94
N GLU B 77 -5.08 12.01 8.68
CA GLU B 77 -5.29 10.68 8.08
C GLU B 77 -4.48 10.44 6.82
N TYR B 78 -4.05 9.20 6.64
CA TYR B 78 -3.27 8.78 5.47
C TYR B 78 -3.77 9.42 4.19
N ALA B 79 -2.89 9.62 3.23
CA ALA B 79 -3.20 10.39 2.03
C ALA B 79 -2.17 10.10 0.96
N HIS B 80 -2.55 10.34 -0.30
CA HIS B 80 -1.66 10.19 -1.46
C HIS B 80 -0.44 11.11 -1.36
N PHE B 81 -0.63 12.34 -0.91
CA PHE B 81 0.44 13.31 -0.64
C PHE B 81 -0.01 14.25 0.49
N ASP B 82 0.94 14.71 1.31
CA ASP B 82 0.64 15.62 2.40
C ASP B 82 1.95 16.28 2.82
N ASP B 83 2.51 17.13 1.96
CA ASP B 83 3.90 17.53 2.12
C ASP B 83 4.11 18.99 2.52
N ASP B 84 5.12 19.23 3.36
CA ASP B 84 5.60 20.60 3.68
C ASP B 84 6.76 20.91 2.75
N ALA B 85 7.39 22.08 2.93
CA ALA B 85 8.51 22.46 2.05
C ALA B 85 9.69 21.51 2.12
N THR B 86 9.96 20.96 3.30
CA THR B 86 11.09 20.06 3.43
C THR B 86 10.86 18.75 2.69
N MET B 87 9.67 18.18 2.85
CA MET B 87 9.32 16.97 2.12
C MET B 87 9.38 17.18 0.60
N MET B 88 8.86 18.31 0.13
CA MET B 88 8.93 18.66 -1.28
C MET B 88 10.36 18.80 -1.78
N LYS B 89 11.22 19.47 -1.03
CA LYS B 89 12.63 19.61 -1.42
C LYS B 89 13.21 18.24 -1.73
N GLY B 90 12.99 17.27 -0.85
CA GLY B 90 13.48 15.91 -1.07
C GLY B 90 12.94 15.31 -2.36
N ARG B 91 11.69 15.60 -2.68
CA ARG B 91 11.08 15.05 -3.86
C ARG B 91 11.73 15.62 -5.10
N LEU B 92 12.01 16.94 -5.09
CA LEU B 92 12.74 17.61 -6.16
C LEU B 92 14.11 17.01 -6.32
N ARG B 93 14.73 16.64 -5.21
CA ARG B 93 16.05 16.07 -5.26
C ARG B 93 16.04 14.71 -5.92
N LYS B 94 14.93 13.97 -5.78
CA LYS B 94 14.73 12.73 -6.53
C LYS B 94 14.69 13.04 -8.02
N ILE B 95 13.72 13.80 -8.51
CA ILE B 95 13.65 14.10 -9.95
C ILE B 95 14.79 14.94 -10.52
N THR B 96 15.93 14.94 -9.84
CA THR B 96 17.18 15.42 -10.44
C THR B 96 18.19 14.33 -10.15
N SER B 97 17.81 13.11 -10.54
CA SER B 97 18.70 11.98 -10.48
C SER B 97 18.48 11.10 -11.69
N ASP B 98 19.60 10.84 -12.37
CA ASP B 98 19.71 9.79 -13.38
C ASP B 98 19.45 8.36 -12.82
N VAL B 99 19.33 8.28 -11.49
CA VAL B 99 18.92 7.06 -10.76
C VAL B 99 17.45 7.08 -10.23
N SER B 100 16.69 8.13 -10.58
CA SER B 100 15.24 8.17 -10.32
C SER B 100 14.44 7.46 -11.44
N TRP B 101 14.34 6.13 -11.37
CA TRP B 101 13.83 5.30 -12.49
C TRP B 101 12.40 5.67 -12.98
N SER B 102 11.51 5.97 -12.03
CA SER B 102 10.12 6.37 -12.31
C SER B 102 10.04 7.63 -13.17
N GLU B 103 11.09 8.47 -13.09
CA GLU B 103 11.29 9.64 -13.99
C GLU B 103 12.67 9.65 -14.74
N ASN B 104 13.14 8.43 -15.05
CA ASN B 104 14.28 8.21 -15.97
C ASN B 104 14.22 6.86 -16.71
N PRO B 105 13.62 6.86 -17.91
CA PRO B 105 13.23 8.04 -18.69
C PRO B 105 12.03 8.75 -18.10
N ALA B 106 11.84 10.01 -18.47
CA ALA B 106 10.79 10.85 -17.88
C ALA B 106 9.41 10.53 -18.41
N SER B 107 8.38 10.81 -17.62
CA SER B 107 7.01 10.71 -18.11
C SER B 107 6.73 11.84 -19.10
N ARG B 108 5.81 11.62 -20.01
CA ARG B 108 5.28 12.70 -20.82
C ARG B 108 3.95 13.14 -20.20
N THR B 109 3.86 14.36 -19.69
CA THR B 109 2.62 14.77 -19.03
C THR B 109 1.94 15.92 -19.74
N ARG B 110 0.62 15.99 -19.65
CA ARG B 110 -0.11 17.20 -20.05
C ARG B 110 -1.12 17.61 -19.00
N HIS B 111 -1.14 18.90 -18.66
CA HIS B 111 -2.09 19.44 -17.69
C HIS B 111 -3.07 20.41 -18.36
N LEU B 112 -4.25 19.93 -18.75
CA LEU B 112 -5.32 20.84 -19.18
C LEU B 112 -5.92 21.52 -17.98
N VAL B 113 -5.99 22.84 -18.02
CA VAL B 113 -6.45 23.59 -16.87
C VAL B 113 -7.69 24.41 -17.24
N SER B 114 -8.76 24.28 -16.48
CA SER B 114 -9.95 25.06 -16.80
C SER B 114 -10.81 25.30 -15.58
N ASN B 115 -12.00 25.87 -15.79
CA ASN B 115 -12.97 26.10 -14.71
C ASN B 115 -12.40 26.91 -13.57
N VAL B 116 -11.52 27.86 -13.91
CA VAL B 116 -10.78 28.63 -12.89
C VAL B 116 -11.69 29.67 -12.23
N MET B 117 -11.90 29.53 -10.91
CA MET B 117 -12.74 30.46 -10.13
C MET B 117 -11.95 31.07 -8.99
N ILE B 118 -12.06 32.39 -8.82
CA ILE B 118 -11.22 33.12 -7.87
C ILE B 118 -12.02 33.85 -6.78
N VAL B 119 -11.58 33.73 -5.54
CA VAL B 119 -12.16 34.48 -4.43
C VAL B 119 -10.98 35.03 -3.67
N GLY B 120 -10.98 36.33 -3.41
CA GLY B 120 -9.96 36.96 -2.55
C GLY B 120 -10.05 36.38 -1.16
N ALA B 121 -8.91 36.12 -0.51
CA ALA B 121 -8.92 35.57 0.85
C ALA B 121 -8.83 36.72 1.87
N GLU B 122 -8.90 36.41 3.17
CA GLU B 122 -8.71 37.42 4.23
C GLU B 122 -7.44 38.25 4.00
N ALA B 123 -6.27 37.59 3.99
CA ALA B 123 -4.97 38.27 3.86
C ALA B 123 -4.84 39.11 2.58
N GLU B 124 -4.03 40.17 2.63
CA GLU B 124 -3.75 40.99 1.44
C GLU B 124 -3.05 40.11 0.40
N GLY B 125 -3.47 40.20 -0.86
CA GLY B 125 -2.77 39.51 -1.94
C GLY B 125 -2.77 37.98 -1.89
N GLU B 126 -3.77 37.40 -1.22
CA GLU B 126 -3.97 35.96 -1.23
C GLU B 126 -5.31 35.63 -1.88
N TYR B 127 -5.39 34.48 -2.54
CA TYR B 127 -6.59 34.12 -3.25
C TYR B 127 -6.93 32.65 -3.10
N GLU B 128 -8.23 32.36 -2.93
CA GLU B 128 -8.69 30.99 -2.97
C GLU B 128 -9.09 30.67 -4.39
N ILE B 129 -8.55 29.58 -4.94
CA ILE B 129 -8.87 29.21 -6.31
C ILE B 129 -9.49 27.82 -6.39
N SER B 130 -10.45 27.67 -7.28
CA SER B 130 -10.90 26.35 -7.69
C SER B 130 -10.70 26.25 -9.18
N SER B 131 -10.05 25.17 -9.61
CA SER B 131 -9.89 24.89 -11.03
C SER B 131 -10.10 23.40 -11.23
N ALA B 132 -10.42 23.02 -12.46
CA ALA B 132 -10.60 21.63 -12.84
C ALA B 132 -9.42 21.20 -13.72
N PHE B 133 -8.98 19.94 -13.63
CA PHE B 133 -7.91 19.49 -14.50
C PHE B 133 -8.14 18.13 -15.15
N ILE B 134 -7.45 17.91 -16.26
CA ILE B 134 -7.16 16.56 -16.70
C ILE B 134 -5.66 16.49 -16.78
N VAL B 135 -5.07 15.43 -16.24
CA VAL B 135 -3.66 15.15 -16.45
C VAL B 135 -3.53 13.89 -17.28
N TYR B 136 -2.81 14.02 -18.38
CA TYR B 136 -2.54 12.95 -19.32
C TYR B 136 -1.08 12.50 -19.14
N ARG B 137 -0.85 11.29 -18.64
CA ARG B 137 0.51 10.85 -18.41
C ARG B 137 0.85 9.67 -19.29
N ASN B 138 1.82 9.89 -20.17
CA ASN B 138 2.21 8.89 -21.13
C ASN B 138 3.66 8.59 -20.90
N ARG B 139 4.03 7.32 -20.84
CA ARG B 139 5.42 7.02 -20.63
C ARG B 139 5.81 5.69 -21.24
N LEU B 140 7.13 5.52 -21.47
CA LEU B 140 7.67 4.32 -22.15
C LEU B 140 7.00 4.13 -23.49
N GLU B 141 6.65 2.91 -23.83
CA GLU B 141 6.13 2.68 -25.18
C GLU B 141 4.66 2.99 -25.24
N ARG B 142 3.92 2.32 -24.36
CA ARG B 142 2.49 2.28 -24.47
C ARG B 142 1.77 2.59 -23.18
N GLN B 143 2.47 3.00 -22.13
CA GLN B 143 1.79 3.28 -20.85
C GLN B 143 1.05 4.63 -20.93
N LEU B 144 -0.26 4.59 -20.66
CA LEU B 144 -1.15 5.77 -20.69
C LEU B 144 -2.02 5.80 -19.46
N ASP B 145 -2.02 6.92 -18.74
CA ASP B 145 -2.83 7.11 -17.56
C ASP B 145 -3.58 8.42 -17.71
N ILE B 146 -4.88 8.45 -17.44
CA ILE B 146 -5.60 9.73 -17.52
C ILE B 146 -6.26 10.07 -16.18
N PHE B 147 -5.79 11.12 -15.51
CA PHE B 147 -6.44 11.55 -14.27
C PHE B 147 -7.28 12.81 -14.48
N ALA B 148 -8.33 12.95 -13.69
CA ALA B 148 -9.05 14.21 -13.62
C ALA B 148 -9.32 14.58 -12.17
N GLY B 149 -9.57 15.85 -11.91
CA GLY B 149 -9.99 16.25 -10.59
C GLY B 149 -10.07 17.75 -10.50
N GLU B 150 -10.09 18.22 -9.24
CA GLU B 150 -10.12 19.64 -8.90
C GLU B 150 -8.90 20.00 -8.08
N ARG B 151 -8.35 21.19 -8.35
CA ARG B 151 -7.32 21.72 -7.49
C ARG B 151 -7.90 22.91 -6.73
N ARG B 152 -7.93 22.80 -5.41
CA ARG B 152 -8.22 23.94 -4.55
C ARG B 152 -6.89 24.47 -4.05
N ASP B 153 -6.56 25.68 -4.47
CA ASP B 153 -5.30 26.32 -4.12
C ASP B 153 -5.53 27.59 -3.31
N THR B 154 -4.49 28.00 -2.59
CA THR B 154 -4.37 29.33 -2.03
C THR B 154 -3.13 29.90 -2.66
N LEU B 155 -3.28 31.00 -3.38
CA LEU B 155 -2.15 31.69 -4.01
C LEU B 155 -1.82 32.99 -3.28
N ARG B 156 -0.53 33.30 -3.18
CA ARG B 156 -0.07 34.55 -2.58
C ARG B 156 0.76 35.31 -3.60
N ARG B 157 0.40 36.60 -3.81
CA ARG B 157 1.17 37.52 -4.65
C ARG B 157 2.63 37.65 -4.24
N ASN B 158 3.44 38.17 -5.15
CA ASN B 158 4.85 37.84 -5.13
C ASN B 158 5.68 38.83 -5.90
N THR B 159 6.91 39.01 -5.46
CA THR B 159 7.84 39.85 -6.22
C THR B 159 8.54 39.09 -7.37
N SER B 160 8.40 37.76 -7.41
CA SER B 160 8.94 36.92 -8.50
C SER B 160 8.40 37.27 -9.89
N GLU B 161 9.10 36.76 -10.91
CA GLU B 161 8.67 36.92 -12.31
C GLU B 161 7.35 36.20 -12.56
N ALA B 162 7.10 35.10 -11.86
CA ALA B 162 5.80 34.42 -11.94
C ALA B 162 4.61 35.19 -11.31
N GLY B 163 4.85 35.94 -10.24
CA GLY B 163 3.81 36.80 -9.65
C GLY B 163 3.05 36.24 -8.46
N PHE B 164 3.21 34.94 -8.22
CA PHE B 164 2.47 34.17 -7.21
C PHE B 164 3.30 33.04 -6.64
N GLU B 165 3.00 32.66 -5.41
CA GLU B 165 3.55 31.44 -4.85
C GLU B 165 2.41 30.53 -4.42
N ILE B 166 2.59 29.22 -4.48
CA ILE B 166 1.49 28.34 -4.10
C ILE B 166 1.59 28.06 -2.62
N VAL B 167 0.58 28.46 -1.86
CA VAL B 167 0.60 28.31 -0.41
C VAL B 167 -0.04 27.00 -0.02
N ASN B 168 -1.28 26.82 -0.47
CA ASN B 168 -1.94 25.53 -0.30
C ASN B 168 -2.34 24.93 -1.61
N ARG B 169 -2.20 23.61 -1.73
CA ARG B 169 -2.80 22.93 -2.83
C ARG B 169 -3.50 21.71 -2.29
N THR B 170 -4.76 21.52 -2.67
CA THR B 170 -5.49 20.32 -2.35
C THR B 170 -5.93 19.72 -3.66
N ILE B 171 -5.43 18.55 -3.95
CA ILE B 171 -5.76 17.92 -5.19
C ILE B 171 -6.88 16.97 -4.85
N LEU B 172 -8.04 17.21 -5.48
CA LEU B 172 -9.20 16.35 -5.30
C LEU B 172 -9.36 15.46 -6.52
N ILE B 173 -8.77 14.26 -6.44
CA ILE B 173 -8.73 13.34 -7.57
C ILE B 173 -10.10 12.67 -7.80
N ASP B 174 -10.44 12.40 -9.05
CA ASP B 174 -11.65 11.63 -9.32
C ASP B 174 -11.35 10.12 -9.47
N GLN B 175 -10.85 9.54 -8.39
CA GLN B 175 -10.49 8.12 -8.36
C GLN B 175 -10.56 7.69 -6.92
N SER B 176 -11.04 6.48 -6.71
CA SER B 176 -10.96 5.88 -5.42
C SER B 176 -9.63 5.16 -5.44
N THR B 177 -9.60 3.93 -5.96
CA THR B 177 -8.35 3.23 -6.23
C THR B 177 -7.63 4.04 -7.29
N ILE B 178 -6.31 4.19 -7.14
CA ILE B 178 -5.50 4.85 -8.14
C ILE B 178 -5.34 3.90 -9.30
N LEU B 179 -5.78 4.33 -10.48
CA LEU B 179 -5.73 3.48 -11.68
C LEU B 179 -4.40 3.48 -12.43
N ALA B 180 -3.29 3.82 -11.78
CA ALA B 180 -1.98 3.76 -12.40
C ALA B 180 -1.06 3.07 -11.43
N ASN B 181 0.11 2.67 -11.92
CA ASN B 181 1.07 1.97 -11.07
C ASN B 181 1.89 2.88 -10.16
N ASN B 182 1.78 4.19 -10.34
CA ASN B 182 2.34 5.13 -9.37
C ASN B 182 1.85 6.54 -9.62
N LEU B 183 2.23 7.46 -8.74
CA LEU B 183 1.96 8.89 -8.93
C LEU B 183 3.29 9.64 -8.85
N SER B 184 4.15 9.41 -9.84
CA SER B 184 5.49 9.94 -9.81
C SER B 184 5.65 11.32 -10.45
N PHE B 185 4.55 12.01 -10.75
CA PHE B 185 4.59 13.35 -11.34
C PHE B 185 3.90 14.28 -10.34
N PHE B 186 3.74 15.56 -10.68
CA PHE B 186 3.00 16.47 -9.81
C PHE B 186 1.71 17.00 -10.38
N PHE B 187 0.68 16.99 -9.56
CA PHE B 187 -0.58 17.61 -9.93
C PHE B 187 -0.52 19.11 -9.70
FE FE2 C . 11.29 -1.48 -3.08
FE1 FES D . -29.62 -10.47 -4.48
FE2 FES D . -31.49 -11.37 -6.17
S1 FES D . -29.42 -11.36 -6.52
S2 FES D . -31.81 -10.72 -4.16
C14 PE3 E . -2.58 -6.39 -21.50
O13 PE3 E . -1.84 -7.37 -22.23
C12 PE3 E . -0.22 -7.29 -22.13
C11 PE3 E . 0.21 -7.44 -20.58
O10 PE3 E . 0.46 -8.80 -20.12
C9 PE3 E . 1.87 -8.96 -19.79
C8 PE3 E . 2.45 -10.39 -19.57
O7 PE3 E . 1.93 -11.33 -20.52
C6 PE3 E . 2.49 -12.64 -20.38
C5 PE3 E . 2.83 -13.72 -21.65
O4 PE3 E . 1.51 -14.36 -21.94
C3 PE3 E . 0.94 -14.34 -23.34
C2 PE3 E . -0.41 -14.82 -23.36
O1 PE3 E . -1.72 -14.17 -23.52
C MBN F . 13.22 -1.97 2.26
C1 MBN F . 12.51 -3.11 1.59
C2 MBN F . 11.27 -2.88 1.00
C3 MBN F . 10.60 -3.95 0.37
C4 MBN F . 11.19 -5.21 0.34
C5 MBN F . 12.44 -5.44 0.94
C6 MBN F . 13.10 -4.38 1.56
FE FE2 G . -10.73 35.20 -20.52
#